data_1EHL
#
_entry.id   1EHL
#
_cell.length_a   144.500
_cell.length_b   48.062
_cell.length_c   77.939
_cell.angle_alpha   90.00
_cell.angle_beta   104.69
_cell.angle_gamma   90.00
#
_symmetry.space_group_name_H-M   'C 1 2 1'
#
loop_
_entity.id
_entity.type
_entity.pdbx_description
1 polymer "5'-(D(5HT)P*(6-4)T)-3'"
2 polymer 'ANTI-(6-4) PHOTOPRODUCT ANTIBODY 64M-2 FAB (LIGHT CHAIN)'
3 polymer 'ANTI-(6-4) PHOTOPRODUCT ANTIBODY 64M-2 FAB (HEAVY CHAIN)'
4 water water
#
loop_
_entity_poly.entity_id
_entity_poly.type
_entity_poly.pdbx_seq_one_letter_code
_entity_poly.pdbx_strand_id
1 'polydeoxyribonucleotide' (5HT)(DT) A
2 'polypeptide(L)'
;DVLMTQTPLSLPVSLGDQASISCRSSQSIVHSNGNTYLEWYLQKPGQSPKLLIYKVSNRFSGVPDRFSGSGSGTDFTLKI
SRVEAEDLGVYYCFQGSLVPTFGGGTKLEIKRADAAPTVSIFPPSSEQLTSGGASVVCFLNNFYPKDINVKWKIDGSERQ
NGVLNSWTDQDSKDSTYSMSSTLTLTKDEYERHNSYTCEATHKTSTSPIVKSFNRNE
;
L
3 'polypeptide(L)'
;EVQLQQSGTVLARPGASVKMSCKASGYSFTSFWMHWVKQRPGQGLEWIGTIYPGNSDTSYNQKFKGKAKLTAVTSASTAY
MEVSSLTNEDSAVYYCTRRSGYKYYALDYWGQGTSVTVSSAKTTAPSVYPLAPVCGDTTGSSVTLGCLVKGYFPEPVTLT
WNSGSLSSGVHTFPAVLQSDLYTLSSSVTVTSSTWPSQSITCNVAHPASSTKVDKKIEP
;
H
#
# COMPACT_ATOMS: atom_id res chain seq x y z
N ASP B 1 8.68 15.46 23.75
CA ASP B 1 7.94 14.91 22.59
C ASP B 1 6.75 14.07 23.09
N VAL B 2 5.57 14.33 22.52
CA VAL B 2 4.35 13.60 22.89
C VAL B 2 4.20 12.44 21.95
N LEU B 3 3.83 11.29 22.49
CA LEU B 3 3.67 10.11 21.68
C LEU B 3 2.26 9.54 21.67
N MET B 4 1.70 9.41 20.47
CA MET B 4 0.39 8.82 20.32
C MET B 4 0.65 7.32 20.04
N THR B 5 0.40 6.49 21.04
CA THR B 5 0.59 5.06 20.87
C THR B 5 -0.75 4.42 20.60
N GLN B 6 -1.00 4.17 19.33
CA GLN B 6 -2.25 3.59 18.92
C GLN B 6 -2.14 2.09 18.77
N THR B 7 -3.11 1.37 19.36
CA THR B 7 -3.22 -0.07 19.31
C THR B 7 -4.71 -0.55 19.08
N PRO B 8 -4.89 -1.70 18.39
CA PRO B 8 -3.81 -2.52 17.84
C PRO B 8 -3.56 -2.05 16.43
N LEU B 9 -2.52 -2.55 15.78
CA LEU B 9 -2.24 -2.11 14.41
C LEU B 9 -3.09 -2.86 13.41
N SER B 10 -3.62 -4.01 13.86
CA SER B 10 -4.50 -4.85 13.05
C SER B 10 -5.62 -5.33 13.92
N LEU B 11 -6.85 -5.13 13.45
CA LEU B 11 -8.03 -5.54 14.22
C LEU B 11 -9.04 -6.27 13.33
N PRO B 12 -8.91 -7.60 13.19
CA PRO B 12 -9.87 -8.33 12.36
C PRO B 12 -11.18 -8.33 13.13
N VAL B 13 -12.25 -8.09 12.39
CA VAL B 13 -13.53 -8.05 13.00
C VAL B 13 -14.53 -8.74 12.07
N SER B 14 -15.57 -9.28 12.66
CA SER B 14 -16.62 -9.91 11.88
C SER B 14 -17.64 -8.79 11.72
N LEU B 15 -18.28 -8.75 10.54
CA LEU B 15 -19.27 -7.74 10.26
C LEU B 15 -20.37 -7.72 11.30
N GLY B 16 -20.74 -6.51 11.68
CA GLY B 16 -21.79 -6.34 12.64
C GLY B 16 -21.27 -6.34 14.04
N ASP B 17 -19.97 -6.57 14.20
CA ASP B 17 -19.41 -6.56 15.55
C ASP B 17 -18.93 -5.18 15.87
N GLN B 18 -18.80 -4.90 17.17
CA GLN B 18 -18.31 -3.61 17.63
C GLN B 18 -16.79 -3.58 17.58
N ALA B 19 -16.23 -2.55 16.99
CA ALA B 19 -14.79 -2.42 16.92
C ALA B 19 -14.32 -1.37 17.95
N SER B 20 -13.13 -1.56 18.52
CA SER B 20 -12.57 -0.67 19.53
C SER B 20 -11.11 -0.33 19.23
N ILE B 21 -10.87 0.88 18.73
CA ILE B 21 -9.53 1.36 18.41
C ILE B 21 -9.15 2.30 19.52
N SER B 22 -8.03 2.00 20.17
CA SER B 22 -7.55 2.84 21.26
C SER B 22 -6.36 3.66 20.82
N CYS B 23 -6.11 4.73 21.57
CA CYS B 23 -4.99 5.59 21.22
C CYS B 23 -4.59 6.33 22.49
N ARG B 24 -3.33 6.16 22.90
CA ARG B 24 -2.78 6.73 24.14
C ARG B 24 -1.61 7.72 24.00
N SER B 25 -1.73 8.85 24.68
CA SER B 25 -0.70 9.86 24.66
C SER B 25 0.29 9.61 25.82
N SER B 26 1.58 9.84 25.54
CA SER B 26 2.62 9.63 26.55
C SER B 26 2.55 10.60 27.74
N GLN B 27 1.48 11.40 27.80
CA GLN B 27 1.18 12.38 28.84
C GLN B 27 0.00 13.22 28.34
N SER B 28 -0.77 13.84 29.25
CA SER B 28 -1.93 14.67 28.88
C SER B 28 -1.76 15.66 27.71
N ILE B 29 -2.70 15.62 26.77
CA ILE B 29 -2.69 16.51 25.62
C ILE B 29 -3.75 17.64 25.72
N VAL B 30 -4.35 17.78 26.90
CA VAL B 30 -5.33 18.82 27.18
C VAL B 30 -4.62 20.18 27.05
N HIS B 31 -5.02 20.99 26.08
CA HIS B 31 -4.43 22.31 25.80
C HIS B 31 -4.68 23.32 26.92
N SER B 32 -4.01 24.46 26.79
CA SER B 32 -4.13 25.57 27.73
C SER B 32 -5.56 26.11 27.80
N ASN B 33 -6.21 26.33 26.64
CA ASN B 33 -7.58 26.83 26.67
C ASN B 33 -8.53 25.82 27.33
N GLY B 34 -7.99 24.67 27.73
CA GLY B 34 -8.76 23.63 28.38
C GLY B 34 -9.26 22.60 27.38
N ASN B 35 -9.06 22.86 26.10
CA ASN B 35 -9.49 21.98 25.04
C ASN B 35 -8.54 20.87 24.67
N THR B 36 -9.10 19.75 24.24
CA THR B 36 -8.31 18.60 23.82
C THR B 36 -8.54 18.44 22.32
N TYR B 37 -7.50 18.67 21.54
CA TYR B 37 -7.58 18.57 20.09
C TYR B 37 -7.20 17.17 19.62
N LEU B 38 -8.04 16.19 19.94
CA LEU B 38 -7.83 14.78 19.57
C LEU B 38 -8.92 14.35 18.59
N GLU B 39 -8.52 14.16 17.34
CA GLU B 39 -9.40 13.74 16.26
C GLU B 39 -9.11 12.29 15.83
N TRP B 40 -9.98 11.76 14.96
CA TRP B 40 -9.86 10.41 14.40
C TRP B 40 -10.15 10.51 12.91
N TYR B 41 -9.29 9.91 12.07
CA TYR B 41 -9.49 9.94 10.62
C TYR B 41 -9.48 8.47 10.14
N LEU B 42 -9.98 8.25 8.93
CA LEU B 42 -10.00 6.93 8.35
C LEU B 42 -9.53 7.08 6.91
N GLN B 43 -8.50 6.35 6.51
CA GLN B 43 -8.07 6.44 5.14
C GLN B 43 -8.42 5.09 4.48
N LYS B 44 -9.41 5.13 3.60
CA LYS B 44 -9.87 3.97 2.87
C LYS B 44 -8.78 3.77 1.82
N PRO B 45 -8.56 2.54 1.39
CA PRO B 45 -7.52 2.32 0.38
C PRO B 45 -7.70 3.17 -0.87
N GLY B 46 -6.64 3.85 -1.28
CA GLY B 46 -6.70 4.68 -2.49
C GLY B 46 -7.23 6.11 -2.42
N GLN B 47 -7.87 6.45 -1.29
CA GLN B 47 -8.39 7.79 -1.10
C GLN B 47 -7.59 8.49 0.03
N SER B 48 -7.82 9.79 0.18
CA SER B 48 -7.16 10.61 1.20
C SER B 48 -7.83 10.38 2.54
N PRO B 49 -7.19 10.75 3.67
CA PRO B 49 -7.91 10.53 4.93
C PRO B 49 -9.17 11.41 5.02
N LYS B 50 -10.04 11.20 6.01
CA LYS B 50 -11.26 12.02 6.15
C LYS B 50 -11.63 12.18 7.62
N LEU B 51 -12.13 13.36 8.00
CA LEU B 51 -12.44 13.59 9.40
C LEU B 51 -13.63 12.78 9.88
N LEU B 52 -13.46 12.11 11.01
CA LEU B 52 -14.52 11.32 11.59
C LEU B 52 -15.01 11.98 12.87
N ILE B 53 -14.13 12.03 13.86
CA ILE B 53 -14.33 12.59 15.20
C ILE B 53 -13.35 13.79 15.40
N TYR B 54 -13.79 14.84 16.08
CA TYR B 54 -12.94 16.01 16.33
C TYR B 54 -13.17 16.38 17.78
N LYS B 55 -12.23 17.09 18.39
CA LYS B 55 -12.36 17.45 19.79
C LYS B 55 -12.70 16.22 20.66
N VAL B 56 -11.96 15.11 20.44
CA VAL B 56 -12.07 13.83 21.18
C VAL B 56 -13.33 13.00 20.95
N SER B 57 -14.47 13.59 21.23
CA SER B 57 -15.74 12.89 21.14
C SER B 57 -16.83 13.44 20.24
N ASN B 58 -16.48 14.30 19.29
CA ASN B 58 -17.50 14.91 18.45
C ASN B 58 -17.49 14.45 17.04
N ARG B 59 -18.63 13.97 16.59
CA ARG B 59 -18.75 13.48 15.25
C ARG B 59 -18.90 14.52 14.16
N PHE B 60 -18.01 14.44 13.19
CA PHE B 60 -17.96 15.35 12.05
C PHE B 60 -19.24 15.16 11.30
N SER B 61 -19.64 16.21 10.56
CA SER B 61 -20.89 16.16 9.80
C SER B 61 -20.93 15.22 8.60
N GLY B 62 -21.86 14.28 8.67
CA GLY B 62 -22.04 13.32 7.61
C GLY B 62 -21.40 12.02 7.99
N VAL B 63 -20.94 11.96 9.23
CA VAL B 63 -20.25 10.76 9.69
C VAL B 63 -21.23 9.76 10.32
N PRO B 64 -21.24 8.51 9.81
CA PRO B 64 -22.11 7.47 10.32
C PRO B 64 -22.18 7.45 11.83
N ASP B 65 -23.40 7.57 12.35
CA ASP B 65 -23.61 7.57 13.78
C ASP B 65 -23.21 6.30 14.51
N ARG B 66 -22.56 5.36 13.83
CA ARG B 66 -22.11 4.19 14.57
C ARG B 66 -20.72 4.52 15.12
N PHE B 67 -20.16 5.64 14.64
CA PHE B 67 -18.84 6.14 15.09
C PHE B 67 -18.98 7.06 16.33
N SER B 68 -18.09 6.88 17.30
CA SER B 68 -18.11 7.69 18.51
C SER B 68 -16.76 7.80 19.24
N GLY B 69 -16.46 8.99 19.72
CA GLY B 69 -15.21 9.16 20.41
C GLY B 69 -15.44 9.39 21.88
N SER B 70 -14.37 9.27 22.63
CA SER B 70 -14.38 9.47 24.07
C SER B 70 -12.90 9.49 24.37
N GLY B 71 -12.54 9.60 25.63
CA GLY B 71 -11.14 9.66 25.99
C GLY B 71 -10.87 10.65 27.10
N SER B 72 -10.13 10.18 28.10
CA SER B 72 -9.79 11.01 29.23
C SER B 72 -8.28 11.21 29.45
N GLY B 73 -7.74 10.64 30.53
CA GLY B 73 -6.31 10.78 30.87
C GLY B 73 -5.39 11.00 29.70
N THR B 74 -4.84 9.91 29.18
CA THR B 74 -3.99 9.97 28.02
C THR B 74 -4.51 8.86 27.11
N ASP B 75 -5.71 8.38 27.45
CA ASP B 75 -6.38 7.30 26.75
C ASP B 75 -7.69 7.64 26.06
N PHE B 76 -7.64 7.64 24.73
CA PHE B 76 -8.77 7.93 23.88
C PHE B 76 -9.22 6.67 23.13
N THR B 77 -10.53 6.55 22.94
CA THR B 77 -11.07 5.39 22.25
C THR B 77 -12.14 5.62 21.17
N LEU B 78 -11.88 5.03 20.00
CA LEU B 78 -12.79 5.07 18.86
C LEU B 78 -13.60 3.77 18.89
N LYS B 79 -14.92 3.86 18.71
CA LYS B 79 -15.75 2.67 18.69
C LYS B 79 -16.64 2.66 17.51
N ILE B 80 -16.74 1.52 16.86
CA ILE B 80 -17.64 1.37 15.73
C ILE B 80 -18.60 0.24 16.04
N SER B 81 -19.69 0.55 16.73
CA SER B 81 -20.71 -0.43 17.06
C SER B 81 -21.28 -0.77 15.69
N ARG B 82 -21.40 -2.05 15.38
CA ARG B 82 -21.90 -2.48 14.07
C ARG B 82 -21.00 -2.10 12.89
N VAL B 83 -19.92 -2.84 12.70
CA VAL B 83 -19.01 -2.60 11.62
C VAL B 83 -19.63 -3.04 10.31
N GLU B 84 -19.66 -2.11 9.36
CA GLU B 84 -20.18 -2.37 8.02
C GLU B 84 -18.94 -2.46 7.12
N ALA B 85 -19.13 -2.96 5.91
CA ALA B 85 -18.05 -3.15 4.95
C ALA B 85 -17.36 -1.88 4.48
N GLU B 86 -18.01 -0.74 4.72
CA GLU B 86 -17.47 0.55 4.31
C GLU B 86 -16.50 1.14 5.33
N ASP B 87 -16.57 0.63 6.55
CA ASP B 87 -15.72 1.08 7.66
C ASP B 87 -14.30 0.51 7.59
N LEU B 88 -14.07 -0.47 6.72
CA LEU B 88 -12.76 -1.08 6.64
C LEU B 88 -11.70 -0.27 5.97
N GLY B 89 -10.62 -0.09 6.70
CA GLY B 89 -9.47 0.65 6.18
C GLY B 89 -8.57 1.02 7.35
N VAL B 90 -7.73 2.05 7.21
CA VAL B 90 -6.82 2.42 8.29
C VAL B 90 -7.25 3.64 9.07
N TYR B 91 -7.35 3.47 10.40
CA TYR B 91 -7.74 4.54 11.31
C TYR B 91 -6.56 5.17 12.01
N TYR B 92 -6.60 6.51 12.08
CA TYR B 92 -5.56 7.30 12.71
C TYR B 92 -6.03 8.30 13.74
N CYS B 93 -5.41 8.32 14.91
CA CYS B 93 -5.78 9.35 15.86
C CYS B 93 -4.78 10.45 15.54
N PHE B 94 -5.02 11.63 16.10
CA PHE B 94 -4.17 12.75 15.78
C PHE B 94 -4.36 13.85 16.79
N GLN B 95 -3.26 14.22 17.44
CA GLN B 95 -3.19 15.29 18.43
C GLN B 95 -2.66 16.43 17.64
N GLY B 96 -3.54 17.34 17.28
CA GLY B 96 -3.14 18.47 16.48
C GLY B 96 -2.83 19.70 17.30
N SER B 97 -2.49 19.53 18.57
CA SER B 97 -2.12 20.64 19.45
C SER B 97 -0.65 21.02 19.20
N LEU B 98 0.14 21.17 20.26
CA LEU B 98 1.56 21.58 20.16
C LEU B 98 2.29 21.14 18.90
N VAL B 99 2.86 19.94 18.92
CA VAL B 99 3.53 19.40 17.71
C VAL B 99 2.60 18.25 17.30
N PRO B 100 1.74 18.52 16.32
CA PRO B 100 0.77 17.58 15.76
C PRO B 100 1.40 16.21 15.44
N THR B 101 1.00 15.19 16.19
CA THR B 101 1.49 13.84 15.98
C THR B 101 0.35 12.83 15.69
N PHE B 102 0.51 12.07 14.61
CA PHE B 102 -0.48 11.05 14.23
C PHE B 102 -0.28 9.74 14.99
N GLY B 103 -1.35 9.02 15.23
CA GLY B 103 -1.20 7.74 15.87
C GLY B 103 -0.58 6.86 14.78
N GLY B 104 -0.27 5.61 15.10
CA GLY B 104 0.37 4.75 14.11
C GLY B 104 -0.50 4.15 13.02
N GLY B 105 -1.73 3.82 13.38
CA GLY B 105 -2.64 3.19 12.43
C GLY B 105 -3.22 1.93 13.03
N THR B 106 -4.46 1.63 12.67
CA THR B 106 -5.15 0.43 13.12
C THR B 106 -5.98 -0.01 11.96
N LYS B 107 -5.47 -0.99 11.25
CA LYS B 107 -6.12 -1.54 10.09
C LYS B 107 -7.24 -2.47 10.49
N LEU B 108 -8.45 -1.98 10.20
CA LEU B 108 -9.71 -2.66 10.45
C LEU B 108 -9.83 -3.64 9.29
N GLU B 109 -9.93 -4.93 9.60
CA GLU B 109 -10.05 -5.98 8.57
C GLU B 109 -11.05 -7.07 9.02
N ILE B 110 -11.39 -7.99 8.11
CA ILE B 110 -12.36 -9.04 8.44
C ILE B 110 -11.76 -10.33 8.97
N LYS B 111 -12.45 -10.92 9.93
CA LYS B 111 -12.01 -12.15 10.58
C LYS B 111 -12.71 -13.39 10.05
N ARG B 112 -11.89 -14.39 9.72
CA ARG B 112 -12.43 -15.63 9.24
C ARG B 112 -11.66 -16.76 9.87
N ALA B 113 -11.95 -17.99 9.51
CA ALA B 113 -11.25 -19.10 10.11
C ALA B 113 -9.88 -19.16 9.48
N ASP B 114 -8.91 -19.75 10.20
CA ASP B 114 -7.52 -19.87 9.68
C ASP B 114 -7.57 -20.69 8.39
N ALA B 115 -6.62 -20.47 7.51
CA ALA B 115 -6.62 -21.23 6.27
C ALA B 115 -5.21 -21.22 5.77
N ALA B 116 -4.76 -22.41 5.37
CA ALA B 116 -3.42 -22.67 4.86
C ALA B 116 -3.21 -22.23 3.43
N PRO B 117 -2.02 -21.73 3.12
CA PRO B 117 -1.73 -21.28 1.77
C PRO B 117 -1.81 -22.45 0.81
N THR B 118 -2.02 -22.17 -0.47
CA THR B 118 -2.07 -23.18 -1.51
C THR B 118 -0.95 -22.77 -2.46
N VAL B 119 0.17 -23.46 -2.27
CA VAL B 119 1.41 -23.18 -2.99
C VAL B 119 1.54 -23.77 -4.40
N SER B 120 2.26 -23.05 -5.25
CA SER B 120 2.47 -23.43 -6.64
C SER B 120 3.73 -22.79 -7.17
N ILE B 121 4.72 -23.61 -7.48
CA ILE B 121 6.01 -23.15 -8.01
C ILE B 121 6.02 -23.20 -9.55
N PHE B 122 6.61 -22.20 -10.20
CA PHE B 122 6.70 -22.15 -11.66
C PHE B 122 8.16 -21.95 -12.12
N PRO B 123 8.71 -22.87 -12.94
CA PRO B 123 10.10 -22.71 -13.43
C PRO B 123 10.23 -21.49 -14.34
N PRO B 124 11.46 -21.05 -14.64
CA PRO B 124 11.63 -19.87 -15.51
C PRO B 124 11.00 -20.13 -16.86
N SER B 125 10.60 -19.06 -17.57
CA SER B 125 10.02 -19.20 -18.89
C SER B 125 11.19 -19.18 -19.86
N SER B 126 11.08 -19.91 -20.96
CA SER B 126 12.14 -19.95 -21.95
C SER B 126 12.50 -18.57 -22.44
N GLU B 127 11.48 -17.71 -22.59
CA GLU B 127 11.66 -16.33 -23.05
C GLU B 127 12.49 -15.54 -22.05
N GLN B 128 12.26 -15.73 -20.75
CA GLN B 128 13.05 -15.04 -19.77
C GLN B 128 14.45 -15.59 -19.88
N LEU B 129 14.54 -16.91 -20.06
CA LEU B 129 15.83 -17.61 -20.17
C LEU B 129 16.67 -17.23 -21.40
N THR B 130 16.04 -16.57 -22.35
CA THR B 130 16.73 -16.13 -23.55
C THR B 130 17.43 -14.81 -23.27
N SER B 131 16.79 -13.96 -22.47
CA SER B 131 17.35 -12.67 -22.10
C SER B 131 18.53 -12.82 -21.11
N GLY B 132 18.80 -14.06 -20.68
CA GLY B 132 19.89 -14.32 -19.74
C GLY B 132 19.44 -14.37 -18.29
N GLY B 133 18.12 -14.21 -18.09
CA GLY B 133 17.57 -14.22 -16.75
C GLY B 133 16.75 -15.43 -16.48
N ALA B 134 16.42 -15.66 -15.20
CA ALA B 134 15.63 -16.83 -14.74
C ALA B 134 14.98 -16.72 -13.37
N SER B 135 13.73 -16.26 -13.32
CA SER B 135 13.01 -16.15 -12.03
C SER B 135 12.25 -17.42 -11.76
N VAL B 136 12.18 -17.81 -10.50
CA VAL B 136 11.43 -19.00 -10.14
C VAL B 136 10.36 -18.45 -9.19
N VAL B 137 9.10 -18.45 -9.64
CA VAL B 137 7.96 -17.93 -8.86
C VAL B 137 7.19 -18.91 -8.02
N CYS B 138 6.83 -18.47 -6.82
CA CYS B 138 6.04 -19.27 -5.92
C CYS B 138 4.80 -18.46 -5.44
N PHE B 139 3.60 -18.90 -5.80
CA PHE B 139 2.38 -18.24 -5.35
C PHE B 139 1.98 -18.99 -4.09
N LEU B 140 1.65 -18.24 -3.05
CA LEU B 140 1.20 -18.81 -1.79
C LEU B 140 -0.22 -18.26 -1.55
N ASN B 141 -1.17 -18.72 -2.36
CA ASN B 141 -2.57 -18.30 -2.37
C ASN B 141 -3.55 -18.70 -1.29
N ASN B 142 -4.57 -17.87 -1.17
CA ASN B 142 -5.70 -18.03 -0.24
C ASN B 142 -5.49 -18.52 1.18
N PHE B 143 -4.89 -17.71 2.03
CA PHE B 143 -4.68 -18.15 3.41
C PHE B 143 -5.14 -17.17 4.51
N TYR B 144 -4.92 -17.55 5.75
CA TYR B 144 -5.33 -16.73 6.87
C TYR B 144 -4.83 -17.40 8.15
N PRO B 145 -4.29 -16.64 9.13
CA PRO B 145 -4.10 -15.17 9.11
C PRO B 145 -3.11 -14.74 8.08
N LYS B 146 -2.91 -13.43 7.93
CA LYS B 146 -2.00 -12.96 6.92
C LYS B 146 -0.52 -13.28 7.20
N ASP B 147 -0.23 -13.64 8.43
CA ASP B 147 1.14 -13.90 8.83
C ASP B 147 1.73 -15.19 8.25
N ILE B 148 2.61 -15.03 7.24
CA ILE B 148 3.25 -16.16 6.52
C ILE B 148 4.75 -15.98 6.21
N ASN B 149 5.48 -17.10 6.20
CA ASN B 149 6.90 -17.04 5.91
C ASN B 149 7.36 -17.98 4.78
N VAL B 150 8.25 -17.46 3.94
CA VAL B 150 8.80 -18.20 2.79
C VAL B 150 10.35 -18.33 2.81
N LYS B 151 10.85 -19.56 2.63
CA LYS B 151 12.29 -19.87 2.54
C LYS B 151 12.53 -20.59 1.22
N TRP B 152 13.48 -20.10 0.43
CA TRP B 152 13.83 -20.75 -0.82
C TRP B 152 15.06 -21.67 -0.64
N LYS B 153 15.23 -22.63 -1.53
CA LYS B 153 16.34 -23.56 -1.51
C LYS B 153 16.71 -23.91 -2.91
N ILE B 154 18.00 -24.15 -3.10
CA ILE B 154 18.49 -24.54 -4.39
C ILE B 154 19.42 -25.72 -4.12
N ASP B 155 19.02 -26.90 -4.60
CA ASP B 155 19.80 -28.11 -4.38
C ASP B 155 19.85 -28.30 -2.86
N GLY B 156 18.71 -28.12 -2.19
CA GLY B 156 18.65 -28.26 -0.73
C GLY B 156 19.41 -27.17 0.02
N SER B 157 20.12 -26.33 -0.75
CA SER B 157 20.89 -25.23 -0.19
C SER B 157 20.02 -23.98 -0.10
N GLU B 158 19.82 -23.46 1.11
CA GLU B 158 19.01 -22.26 1.26
C GLU B 158 19.60 -21.11 0.46
N ARG B 159 18.71 -20.24 -0.02
CA ARG B 159 19.08 -19.09 -0.83
C ARG B 159 18.27 -17.88 -0.38
N GLN B 160 18.94 -16.97 0.30
CA GLN B 160 18.27 -15.79 0.82
C GLN B 160 18.37 -14.54 -0.06
N ASN B 161 19.09 -14.65 -1.17
CA ASN B 161 19.30 -13.52 -2.05
C ASN B 161 18.53 -13.49 -3.38
N GLY B 162 18.08 -12.28 -3.73
CA GLY B 162 17.35 -12.05 -4.97
C GLY B 162 15.90 -12.48 -4.92
N VAL B 163 15.43 -12.70 -3.71
CA VAL B 163 14.08 -13.13 -3.49
C VAL B 163 13.16 -11.95 -3.19
N LEU B 164 12.30 -11.56 -4.15
CA LEU B 164 11.34 -10.47 -3.91
C LEU B 164 9.89 -10.90 -3.71
N ASN B 165 9.42 -10.74 -2.48
CA ASN B 165 8.06 -11.09 -2.06
C ASN B 165 7.09 -9.90 -2.26
N SER B 166 5.79 -10.16 -2.14
CA SER B 166 4.78 -9.14 -2.33
C SER B 166 3.43 -9.73 -1.95
N TRP B 167 2.78 -9.12 -0.97
CA TRP B 167 1.51 -9.61 -0.50
C TRP B 167 0.30 -8.85 -1.03
N THR B 168 -0.81 -9.54 -1.23
CA THR B 168 -2.03 -8.89 -1.66
C THR B 168 -2.67 -8.44 -0.34
N ASP B 169 -3.71 -7.60 -0.42
CA ASP B 169 -4.47 -7.16 0.76
C ASP B 169 -5.59 -8.19 0.99
N GLN B 170 -6.36 -8.07 2.07
CA GLN B 170 -7.41 -9.04 2.35
C GLN B 170 -8.41 -9.17 1.21
N ASP B 171 -8.56 -10.39 0.67
CA ASP B 171 -9.47 -10.66 -0.46
C ASP B 171 -10.90 -10.24 -0.13
N SER B 172 -11.55 -9.51 -1.03
CA SER B 172 -12.93 -9.07 -0.75
C SER B 172 -13.98 -10.17 -0.62
N LYS B 173 -13.81 -11.24 -1.40
CA LYS B 173 -14.74 -12.36 -1.38
C LYS B 173 -14.56 -13.35 -0.22
N ASP B 174 -13.35 -13.90 -0.05
CA ASP B 174 -13.13 -14.85 1.03
C ASP B 174 -12.39 -14.40 2.26
N SER B 175 -12.02 -13.13 2.29
CA SER B 175 -11.29 -12.54 3.40
C SER B 175 -9.92 -13.20 3.63
N THR B 176 -9.30 -13.69 2.55
CA THR B 176 -7.99 -14.31 2.69
C THR B 176 -6.89 -13.44 2.10
N TYR B 177 -5.65 -13.84 2.37
CA TYR B 177 -4.51 -13.14 1.84
C TYR B 177 -3.81 -14.06 0.84
N SER B 178 -2.88 -13.51 0.09
CA SER B 178 -2.09 -14.27 -0.88
C SER B 178 -0.74 -13.60 -0.96
N MET B 179 0.31 -14.40 -1.05
CA MET B 179 1.65 -13.84 -1.15
C MET B 179 2.34 -14.35 -2.42
N SER B 180 3.39 -13.65 -2.85
CA SER B 180 4.11 -14.00 -4.06
C SER B 180 5.61 -13.78 -3.94
N SER B 181 6.38 -14.86 -3.70
CA SER B 181 7.85 -14.79 -3.59
C SER B 181 8.44 -14.98 -4.96
N THR B 182 9.68 -14.56 -5.15
CA THR B 182 10.29 -14.75 -6.47
C THR B 182 11.80 -14.71 -6.39
N LEU B 183 12.42 -15.87 -6.65
CA LEU B 183 13.86 -15.95 -6.66
C LEU B 183 14.29 -15.69 -8.08
N THR B 184 15.06 -14.63 -8.26
CA THR B 184 15.57 -14.24 -9.58
C THR B 184 17.09 -14.56 -9.58
N LEU B 185 17.53 -15.34 -10.56
CA LEU B 185 18.92 -15.75 -10.72
C LEU B 185 19.32 -15.35 -12.09
N THR B 186 20.43 -15.93 -12.55
CA THR B 186 20.99 -15.72 -13.87
C THR B 186 20.71 -17.03 -14.58
N LYS B 187 20.68 -17.00 -15.91
CA LYS B 187 20.43 -18.19 -16.72
C LYS B 187 21.49 -19.27 -16.40
N ASP B 188 22.76 -18.87 -16.48
CA ASP B 188 23.89 -19.75 -16.22
C ASP B 188 23.77 -20.25 -14.80
N GLU B 189 23.62 -19.31 -13.87
CA GLU B 189 23.49 -19.66 -12.48
C GLU B 189 22.33 -20.63 -12.27
N TYR B 190 21.22 -20.42 -12.99
CA TYR B 190 20.03 -21.26 -12.89
C TYR B 190 20.39 -22.63 -13.42
N GLU B 191 20.95 -22.63 -14.63
CA GLU B 191 21.36 -23.86 -15.29
C GLU B 191 22.52 -24.61 -14.65
N ARG B 192 22.77 -24.35 -13.37
CA ARG B 192 23.83 -25.05 -12.68
C ARG B 192 23.32 -25.72 -11.39
N HIS B 193 22.00 -25.84 -11.30
CA HIS B 193 21.33 -26.50 -10.17
C HIS B 193 20.09 -27.26 -10.68
N ASN B 194 19.57 -28.14 -9.84
CA ASN B 194 18.44 -29.00 -10.20
C ASN B 194 17.16 -28.72 -9.41
N SER B 195 17.29 -28.82 -8.08
CA SER B 195 16.22 -28.62 -7.13
C SER B 195 16.02 -27.16 -6.67
N TYR B 196 14.81 -26.70 -6.95
CA TYR B 196 14.33 -25.38 -6.61
C TYR B 196 13.11 -25.55 -5.70
N THR B 197 13.35 -25.37 -4.40
CA THR B 197 12.34 -25.49 -3.35
C THR B 197 11.87 -24.13 -2.82
N CYS B 198 10.67 -24.10 -2.21
CA CYS B 198 10.12 -22.88 -1.58
C CYS B 198 9.16 -23.40 -0.53
N GLU B 199 9.51 -23.18 0.73
CA GLU B 199 8.66 -23.68 1.78
C GLU B 199 7.98 -22.60 2.56
N ALA B 200 6.66 -22.64 2.47
CA ALA B 200 5.80 -21.68 3.14
C ALA B 200 5.42 -22.13 4.53
N THR B 201 5.83 -21.38 5.54
CA THR B 201 5.43 -21.71 6.90
C THR B 201 4.39 -20.68 7.32
N HIS B 202 3.19 -21.20 7.62
CA HIS B 202 2.06 -20.40 7.99
C HIS B 202 1.61 -20.78 9.38
N LYS B 203 0.73 -19.97 9.94
CA LYS B 203 0.19 -20.19 11.28
C LYS B 203 -0.49 -21.55 11.46
N THR B 204 -1.03 -22.11 10.36
CA THR B 204 -1.73 -23.39 10.38
C THR B 204 -0.90 -24.64 10.76
N SER B 205 -0.01 -25.15 9.91
CA SER B 205 0.80 -26.32 10.30
C SER B 205 2.21 -25.99 10.80
N THR B 206 2.70 -26.77 11.75
CA THR B 206 4.04 -26.55 12.28
C THR B 206 5.09 -27.04 11.26
N SER B 207 4.58 -27.70 10.22
CA SER B 207 5.39 -28.25 9.13
C SER B 207 5.30 -27.39 7.86
N PRO B 208 6.41 -26.79 7.42
CA PRO B 208 6.47 -25.95 6.21
C PRO B 208 5.74 -26.58 5.02
N ILE B 209 5.14 -25.77 4.13
CA ILE B 209 4.49 -26.33 2.93
C ILE B 209 5.59 -26.30 1.87
N VAL B 210 6.01 -27.46 1.39
CA VAL B 210 7.07 -27.50 0.41
C VAL B 210 6.65 -27.64 -1.04
N LYS B 211 7.28 -26.84 -1.90
CA LYS B 211 7.00 -26.85 -3.32
C LYS B 211 8.34 -26.92 -4.01
N SER B 212 8.55 -27.96 -4.83
CA SER B 212 9.81 -28.15 -5.57
C SER B 212 9.62 -28.64 -7.01
N PHE B 213 10.72 -28.63 -7.77
CA PHE B 213 10.76 -29.10 -9.15
C PHE B 213 12.23 -29.33 -9.47
N ASN B 214 12.49 -30.11 -10.52
CA ASN B 214 13.86 -30.40 -10.98
C ASN B 214 13.90 -30.02 -12.44
N ARG B 215 15.00 -29.45 -12.93
CA ARG B 215 15.04 -29.12 -14.35
C ARG B 215 15.03 -30.49 -15.12
N ASN B 216 15.10 -31.57 -14.32
CA ASN B 216 15.06 -32.99 -14.73
C ASN B 216 13.60 -33.43 -14.98
N GLU B 217 13.05 -32.99 -16.11
CA GLU B 217 11.67 -33.29 -16.49
C GLU B 217 11.56 -32.96 -17.98
N GLU C 1 -18.13 23.13 -0.32
CA GLU C 1 -17.61 23.77 -1.56
C GLU C 1 -16.10 24.02 -1.51
N VAL C 2 -15.52 23.85 -0.32
CA VAL C 2 -14.07 24.01 -0.10
C VAL C 2 -13.37 22.96 -0.94
N GLN C 3 -12.42 23.36 -1.77
CA GLN C 3 -11.75 22.35 -2.58
C GLN C 3 -10.26 22.51 -2.70
N LEU C 4 -9.55 21.45 -2.29
CA LEU C 4 -8.11 21.41 -2.30
C LEU C 4 -7.62 20.54 -3.43
N GLN C 5 -7.09 21.18 -4.46
CA GLN C 5 -6.52 20.52 -5.62
C GLN C 5 -4.97 20.51 -5.53
N GLN C 6 -4.33 19.37 -5.77
CA GLN C 6 -2.87 19.28 -5.69
C GLN C 6 -2.25 18.94 -7.05
N SER C 7 -0.99 19.28 -7.22
CA SER C 7 -0.31 19.02 -8.48
C SER C 7 -0.24 17.54 -8.79
N GLY C 8 0.21 17.22 -10.00
CA GLY C 8 0.29 15.83 -10.46
C GLY C 8 1.37 14.91 -9.95
N THR C 9 1.45 13.73 -10.57
CA THR C 9 2.43 12.72 -10.20
C THR C 9 3.79 13.11 -10.71
N VAL C 10 4.70 13.32 -9.77
CA VAL C 10 6.06 13.71 -10.09
C VAL C 10 7.12 12.60 -9.93
N LEU C 11 7.92 12.46 -10.99
CA LEU C 11 8.98 11.50 -10.98
C LEU C 11 10.31 12.28 -10.92
N ALA C 12 10.91 12.26 -9.75
CA ALA C 12 12.16 12.97 -9.52
C ALA C 12 13.42 12.11 -9.36
N ARG C 13 14.50 12.54 -9.97
CA ARG C 13 15.78 11.85 -9.85
C ARG C 13 16.31 12.10 -8.44
N PRO C 14 17.06 11.16 -7.89
CA PRO C 14 17.58 11.36 -6.55
C PRO C 14 18.52 12.56 -6.37
N GLY C 15 18.40 13.23 -5.23
CA GLY C 15 19.27 14.37 -4.96
C GLY C 15 18.70 15.69 -5.42
N ALA C 16 17.63 15.62 -6.19
CA ALA C 16 16.97 16.82 -6.68
C ALA C 16 16.01 17.38 -5.64
N SER C 17 15.26 18.41 -6.06
CA SER C 17 14.27 19.09 -5.22
C SER C 17 12.94 19.06 -6.02
N VAL C 18 11.80 18.90 -5.34
CA VAL C 18 10.48 18.87 -6.03
C VAL C 18 9.46 19.85 -5.42
N LYS C 19 8.97 20.79 -6.22
CA LYS C 19 8.00 21.81 -5.77
C LYS C 19 6.55 21.48 -6.14
N MET C 20 5.71 21.28 -5.14
CA MET C 20 4.31 20.93 -5.39
C MET C 20 3.29 21.94 -4.86
N SER C 21 2.20 22.10 -5.63
CA SER C 21 1.09 23.03 -5.35
C SER C 21 -0.17 22.45 -4.76
N CYS C 22 -0.95 23.33 -4.17
CA CYS C 22 -2.18 22.93 -3.55
C CYS C 22 -3.17 24.11 -3.56
N LYS C 23 -3.88 24.22 -4.69
CA LYS C 23 -4.88 25.26 -4.93
C LYS C 23 -6.19 25.07 -4.17
N ALA C 24 -6.45 26.01 -3.28
CA ALA C 24 -7.63 26.06 -2.42
C ALA C 24 -8.75 26.80 -3.16
N SER C 25 -9.99 26.61 -2.71
CA SER C 25 -11.15 27.26 -3.30
C SER C 25 -12.36 27.06 -2.43
N GLY C 26 -13.30 28.02 -2.48
CA GLY C 26 -14.50 27.94 -1.68
C GLY C 26 -14.37 28.36 -0.23
N TYR C 27 -13.26 29.00 0.08
CA TYR C 27 -13.08 29.45 1.44
C TYR C 27 -11.95 30.47 1.44
N SER C 28 -11.82 31.23 2.53
CA SER C 28 -10.80 32.26 2.68
C SER C 28 -9.43 31.63 2.92
N PHE C 29 -8.60 31.60 1.88
CA PHE C 29 -7.26 31.01 1.96
C PHE C 29 -6.44 31.57 3.09
N THR C 30 -6.41 32.90 3.17
CA THR C 30 -5.62 33.59 4.17
C THR C 30 -6.07 33.48 5.62
N SER C 31 -7.20 32.81 5.89
CA SER C 31 -7.66 32.74 7.28
C SER C 31 -7.54 31.36 7.91
N PHE C 32 -6.90 30.43 7.21
CA PHE C 32 -6.74 29.08 7.77
C PHE C 32 -5.36 28.57 7.59
N TRP C 33 -4.99 27.65 8.49
CA TRP C 33 -3.68 26.99 8.45
C TRP C 33 -3.73 25.76 7.51
N MET C 34 -2.87 25.76 6.50
CA MET C 34 -2.77 24.67 5.56
C MET C 34 -1.68 23.72 6.07
N HIS C 35 -2.07 22.46 6.29
CA HIS C 35 -1.14 21.47 6.76
C HIS C 35 -0.71 20.52 5.65
N TRP C 36 0.48 19.95 5.82
CA TRP C 36 1.06 19.01 4.87
C TRP C 36 1.42 17.76 5.64
N VAL C 37 1.01 16.62 5.08
CA VAL C 37 1.19 15.27 5.68
C VAL C 37 1.87 14.36 4.61
N LYS C 38 2.80 13.52 5.04
CA LYS C 38 3.51 12.64 4.11
C LYS C 38 3.15 11.21 4.41
N GLN C 39 3.00 10.39 3.37
CA GLN C 39 2.69 8.94 3.53
C GLN C 39 3.55 8.06 2.63
N ARG C 40 4.59 7.50 3.21
CA ARG C 40 5.52 6.69 2.48
C ARG C 40 4.78 5.50 1.91
N PRO C 41 5.28 4.96 0.79
CA PRO C 41 4.71 3.82 0.09
C PRO C 41 4.02 2.82 1.00
N GLY C 42 4.66 2.43 2.09
CA GLY C 42 3.99 1.46 2.93
C GLY C 42 3.55 1.86 4.32
N GLN C 43 4.05 2.96 4.88
CA GLN C 43 3.64 3.29 6.23
C GLN C 43 2.51 4.29 6.49
N GLY C 44 2.25 4.56 7.77
CA GLY C 44 1.21 5.47 8.17
C GLY C 44 1.45 6.93 7.77
N LEU C 45 0.62 7.82 8.32
CA LEU C 45 0.67 9.27 8.04
C LEU C 45 1.65 10.00 8.94
N GLU C 46 2.41 10.93 8.34
CA GLU C 46 3.42 11.72 9.05
C GLU C 46 3.15 13.22 8.90
N TRP C 47 3.02 13.94 10.00
CA TRP C 47 2.82 15.39 9.88
C TRP C 47 4.14 16.11 9.47
N ILE C 48 4.12 16.81 8.35
CA ILE C 48 5.27 17.56 7.88
C ILE C 48 5.34 18.99 8.51
N GLY C 49 4.44 19.89 8.10
CA GLY C 49 4.44 21.23 8.63
C GLY C 49 3.17 21.94 8.25
N THR C 50 3.03 23.18 8.70
CA THR C 50 1.85 24.00 8.46
C THR C 50 2.10 25.49 8.22
N ILE C 51 1.45 26.09 7.22
CA ILE C 51 1.58 27.51 6.93
C ILE C 51 0.23 28.27 7.09
N TYR C 52 0.29 29.48 7.64
CA TYR C 52 -0.91 30.32 7.74
C TYR C 52 -0.72 31.36 6.66
N PRO C 53 -1.48 31.27 5.56
CA PRO C 53 -1.30 32.26 4.49
C PRO C 53 -1.72 33.72 4.86
N GLY C 54 -1.14 34.69 4.16
CA GLY C 54 -1.46 36.08 4.47
C GLY C 54 -0.79 36.61 5.75
N ASN C 55 0.39 36.06 6.06
CA ASN C 55 1.23 36.38 7.21
C ASN C 55 2.43 35.44 7.16
N SER C 56 2.27 34.39 6.34
CA SER C 56 3.27 33.38 6.07
C SER C 56 3.89 32.66 7.23
N ASP C 57 3.19 32.60 8.35
CA ASP C 57 3.71 31.89 9.51
C ASP C 57 3.85 30.43 9.13
N THR C 58 4.84 29.76 9.70
CA THR C 58 5.10 28.35 9.43
C THR C 58 5.43 27.59 10.74
N SER C 59 5.25 26.28 10.71
CA SER C 59 5.60 25.42 11.85
C SER C 59 6.00 24.05 11.29
N TYR C 60 7.26 23.68 11.46
CA TYR C 60 7.71 22.41 10.94
C TYR C 60 7.96 21.33 11.97
N ASN C 61 7.99 20.12 11.47
CA ASN C 61 8.29 18.95 12.27
C ASN C 61 9.84 19.09 12.31
N GLN C 62 10.49 18.79 13.43
CA GLN C 62 11.93 18.95 13.44
C GLN C 62 12.59 18.27 12.25
N LYS C 63 12.16 17.02 12.00
CA LYS C 63 12.61 16.14 10.91
C LYS C 63 12.61 16.76 9.51
N PHE C 64 11.60 17.59 9.24
CA PHE C 64 11.46 18.25 7.94
C PHE C 64 12.04 19.69 7.78
N LYS C 65 12.52 20.30 8.87
CA LYS C 65 13.07 21.67 8.87
C LYS C 65 13.80 22.09 7.62
N GLY C 66 14.90 21.42 7.28
CA GLY C 66 15.58 21.81 6.06
C GLY C 66 15.14 21.08 4.79
N LYS C 67 14.29 20.06 4.97
CA LYS C 67 13.81 19.19 3.91
C LYS C 67 12.57 19.66 3.14
N ALA C 68 11.52 20.06 3.86
CA ALA C 68 10.29 20.54 3.23
C ALA C 68 10.11 22.09 3.41
N LYS C 69 10.01 22.81 2.30
CA LYS C 69 9.81 24.25 2.41
C LYS C 69 8.36 24.67 2.06
N LEU C 70 7.61 25.09 3.06
CA LEU C 70 6.23 25.50 2.83
C LEU C 70 6.11 27.00 2.47
N THR C 71 5.46 27.29 1.35
CA THR C 71 5.21 28.65 0.93
C THR C 71 3.75 28.80 0.43
N ALA C 72 3.27 30.04 0.26
CA ALA C 72 1.91 30.30 -0.21
C ALA C 72 1.82 31.59 -0.97
N VAL C 73 1.06 31.59 -2.06
CA VAL C 73 0.84 32.78 -2.88
C VAL C 73 -0.69 33.08 -2.90
N THR C 74 -1.12 34.06 -2.09
CA THR C 74 -2.52 34.44 -1.92
C THR C 74 -3.29 34.85 -3.18
N SER C 75 -2.57 35.33 -4.17
CA SER C 75 -3.21 35.71 -5.42
C SER C 75 -3.51 34.45 -6.28
N ALA C 76 -2.93 33.31 -5.88
CA ALA C 76 -3.13 32.05 -6.58
C ALA C 76 -3.84 31.12 -5.65
N SER C 77 -4.06 31.58 -4.43
CA SER C 77 -4.71 30.76 -3.42
C SER C 77 -4.07 29.38 -3.50
N THR C 78 -2.74 29.35 -3.53
CA THR C 78 -1.99 28.09 -3.61
C THR C 78 -0.83 27.99 -2.64
N ALA C 79 -0.88 26.91 -1.85
CA ALA C 79 0.15 26.56 -0.88
C ALA C 79 1.15 25.70 -1.66
N TYR C 80 2.42 25.89 -1.36
CA TYR C 80 3.47 25.18 -2.04
C TYR C 80 4.38 24.48 -1.06
N MET C 81 5.05 23.44 -1.54
CA MET C 81 5.99 22.65 -0.73
C MET C 81 7.11 22.14 -1.60
N GLU C 82 8.32 22.53 -1.24
CA GLU C 82 9.50 22.08 -1.98
C GLU C 82 10.27 21.13 -1.08
N VAL C 83 10.41 19.88 -1.55
CA VAL C 83 11.12 18.80 -0.85
C VAL C 83 12.40 18.75 -1.62
N SER C 84 13.53 18.91 -0.92
CA SER C 84 14.80 18.99 -1.63
C SER C 84 15.73 17.92 -1.18
N SER C 85 16.84 17.77 -1.91
CA SER C 85 17.88 16.78 -1.65
C SER C 85 17.14 15.45 -1.60
N LEU C 86 16.45 15.15 -2.69
CA LEU C 86 15.61 13.97 -2.78
C LEU C 86 16.30 12.64 -2.65
N THR C 87 15.82 11.87 -1.68
CA THR C 87 16.30 10.52 -1.40
C THR C 87 15.16 9.56 -1.69
N ASN C 88 15.40 8.32 -1.34
CA ASN C 88 14.47 7.22 -1.54
C ASN C 88 13.28 7.41 -0.58
N GLU C 89 13.62 7.83 0.62
CA GLU C 89 12.67 8.05 1.69
C GLU C 89 11.71 9.17 1.38
N ASP C 90 12.00 9.94 0.33
CA ASP C 90 11.13 11.08 -0.04
C ASP C 90 10.01 10.62 -0.97
N SER C 91 10.13 9.40 -1.45
CA SER C 91 9.12 8.83 -2.31
C SER C 91 7.96 8.53 -1.37
N ALA C 92 6.81 9.17 -1.63
CA ALA C 92 5.60 9.00 -0.81
C ALA C 92 4.46 9.78 -1.46
N VAL C 93 3.30 9.80 -0.78
CA VAL C 93 2.16 10.57 -1.25
C VAL C 93 2.04 11.74 -0.27
N TYR C 94 1.89 12.94 -0.83
CA TYR C 94 1.79 14.17 -0.01
C TYR C 94 0.41 14.82 -0.08
N TYR C 95 -0.19 15.01 1.09
CA TYR C 95 -1.50 15.66 1.22
C TYR C 95 -1.44 17.04 1.87
N CYS C 96 -2.11 18.03 1.27
CA CYS C 96 -2.25 19.33 1.91
C CYS C 96 -3.69 19.23 2.38
N THR C 97 -3.91 19.49 3.64
CA THR C 97 -5.25 19.43 4.19
C THR C 97 -5.44 20.73 4.99
N ARG C 98 -6.67 21.17 5.17
CA ARG C 98 -6.97 22.41 5.88
C ARG C 98 -7.43 22.22 7.33
N ARG C 99 -6.95 23.06 8.24
CA ARG C 99 -7.31 23.03 9.66
C ARG C 99 -8.50 24.02 9.81
N SER C 100 -9.70 23.50 9.98
CA SER C 100 -10.84 24.34 10.07
C SER C 100 -10.79 25.09 11.37
N GLY C 101 -11.43 26.25 11.35
CA GLY C 101 -11.52 27.07 12.54
C GLY C 101 -12.69 26.60 13.35
N TYR C 102 -13.64 27.50 13.62
CA TYR C 102 -14.81 27.14 14.40
C TYR C 102 -15.85 26.28 13.70
N LYS C 103 -16.32 25.36 14.53
CA LYS C 103 -17.25 24.29 14.34
C LYS C 103 -16.38 23.12 14.80
N TYR C 104 -15.52 22.69 13.88
CA TYR C 104 -14.63 21.51 14.04
C TYR C 104 -13.19 21.54 14.57
N TYR C 105 -12.36 22.51 14.18
CA TYR C 105 -10.97 22.62 14.69
C TYR C 105 -10.29 21.31 14.36
N ALA C 106 -10.15 21.02 13.07
CA ALA C 106 -9.59 19.74 12.64
C ALA C 106 -9.36 19.78 11.18
N LEU C 107 -8.71 18.75 10.65
CA LEU C 107 -8.42 18.71 9.22
C LEU C 107 -9.65 18.09 8.54
N ASP C 108 -10.59 18.97 8.19
CA ASP C 108 -11.85 18.59 7.53
C ASP C 108 -11.85 18.51 6.00
N TYR C 109 -10.87 19.16 5.37
CA TYR C 109 -10.76 19.11 3.93
C TYR C 109 -9.34 18.69 3.64
N TRP C 110 -9.19 17.80 2.65
CA TRP C 110 -7.92 17.22 2.25
C TRP C 110 -7.80 17.25 0.77
N GLY C 111 -6.56 17.22 0.26
CA GLY C 111 -6.38 17.22 -1.18
C GLY C 111 -6.25 15.77 -1.65
N GLN C 112 -6.38 15.50 -2.95
CA GLN C 112 -6.24 14.11 -3.44
C GLN C 112 -4.85 13.52 -3.23
N GLY C 113 -3.88 14.37 -2.88
CA GLY C 113 -2.51 13.95 -2.59
C GLY C 113 -1.61 14.00 -3.78
N THR C 114 -0.30 14.16 -3.56
CA THR C 114 0.66 14.20 -4.69
C THR C 114 1.67 13.08 -4.56
N SER C 115 1.75 12.25 -5.59
CA SER C 115 2.68 11.13 -5.60
C SER C 115 3.97 11.52 -6.24
N VAL C 116 5.04 11.41 -5.44
CA VAL C 116 6.43 11.72 -5.84
C VAL C 116 7.24 10.42 -5.85
N THR C 117 7.90 10.12 -6.97
CA THR C 117 8.73 8.91 -7.01
C THR C 117 10.22 9.31 -7.22
N VAL C 118 11.07 9.04 -6.22
CA VAL C 118 12.50 9.40 -6.34
C VAL C 118 13.28 8.23 -6.93
N SER C 119 13.71 8.37 -8.18
CA SER C 119 14.44 7.31 -8.81
C SER C 119 15.23 7.80 -10.01
N SER C 120 16.30 7.05 -10.29
CA SER C 120 17.24 7.29 -11.38
C SER C 120 16.80 6.52 -12.60
N ALA C 121 15.71 5.76 -12.43
CA ALA C 121 15.16 4.93 -13.47
C ALA C 121 14.66 5.73 -14.64
N LYS C 122 14.86 5.17 -15.82
CA LYS C 122 14.39 5.75 -17.06
C LYS C 122 13.13 4.94 -17.41
N THR C 123 12.32 5.43 -18.35
CA THR C 123 11.10 4.73 -18.74
C THR C 123 11.37 3.41 -19.50
N THR C 124 10.89 2.32 -18.90
CA THR C 124 11.13 0.99 -19.43
C THR C 124 9.87 0.10 -19.51
N ALA C 125 9.58 -0.37 -20.73
CA ALA C 125 8.45 -1.27 -20.99
C ALA C 125 8.71 -2.59 -20.24
N PRO C 126 7.64 -3.34 -19.95
CA PRO C 126 7.85 -4.59 -19.22
C PRO C 126 8.24 -5.80 -20.03
N SER C 127 8.58 -6.85 -19.28
CA SER C 127 8.94 -8.16 -19.79
C SER C 127 7.88 -9.03 -19.14
N VAL C 128 6.93 -9.49 -19.96
CA VAL C 128 5.81 -10.35 -19.51
C VAL C 128 6.15 -11.79 -19.84
N TYR C 129 6.17 -12.60 -18.79
CA TYR C 129 6.53 -14.01 -18.85
C TYR C 129 5.39 -14.93 -18.49
N PRO C 130 5.23 -16.02 -19.25
CA PRO C 130 4.17 -16.99 -18.99
C PRO C 130 4.67 -17.94 -17.96
N LEU C 131 3.81 -18.30 -17.03
CA LEU C 131 4.17 -19.22 -15.97
C LEU C 131 3.24 -20.42 -16.01
N ALA C 132 3.64 -21.40 -16.83
CA ALA C 132 2.94 -22.67 -16.98
C ALA C 132 3.40 -23.54 -15.81
N PRO C 133 2.53 -24.45 -15.33
CA PRO C 133 2.94 -25.32 -14.22
C PRO C 133 4.13 -26.16 -14.65
N VAL C 134 4.85 -26.68 -13.68
CA VAL C 134 6.05 -27.46 -13.91
C VAL C 134 5.98 -28.48 -15.05
N CYS C 135 6.03 -29.78 -14.74
CA CYS C 135 5.97 -30.80 -15.78
C CYS C 135 4.67 -31.60 -15.82
N GLY C 136 4.64 -32.63 -16.66
CA GLY C 136 3.46 -33.46 -16.80
C GLY C 136 3.01 -34.12 -15.50
N ASP C 137 1.76 -34.59 -15.52
CA ASP C 137 1.10 -35.24 -14.38
C ASP C 137 0.58 -34.23 -13.34
N GLY C 140 -4.64 -32.14 -9.46
CA GLY C 140 -5.91 -31.78 -8.72
C GLY C 140 -7.13 -31.46 -9.59
N SER C 141 -8.08 -30.69 -9.03
CA SER C 141 -9.29 -30.30 -9.75
C SER C 141 -9.15 -28.90 -10.39
N SER C 142 -8.28 -28.11 -9.78
CA SER C 142 -8.00 -26.75 -10.24
C SER C 142 -6.55 -26.62 -10.64
N VAL C 143 -6.28 -25.71 -11.56
CA VAL C 143 -4.94 -25.48 -12.06
C VAL C 143 -4.55 -24.01 -12.02
N THR C 144 -3.54 -23.70 -11.21
CA THR C 144 -3.03 -22.34 -11.06
C THR C 144 -2.01 -21.93 -12.13
N LEU C 145 -2.28 -20.81 -12.78
CA LEU C 145 -1.42 -20.27 -13.81
C LEU C 145 -1.00 -18.87 -13.37
N GLY C 146 -0.15 -18.22 -14.16
CA GLY C 146 0.31 -16.90 -13.79
C GLY C 146 1.07 -16.14 -14.85
N CYS C 147 1.37 -14.88 -14.54
CA CYS C 147 2.13 -13.99 -15.43
C CYS C 147 3.21 -13.28 -14.59
N LEU C 148 4.35 -12.97 -15.19
CA LEU C 148 5.39 -12.24 -14.46
C LEU C 148 5.69 -11.04 -15.32
N VAL C 149 5.42 -9.86 -14.75
CA VAL C 149 5.66 -8.60 -15.45
C VAL C 149 6.82 -7.98 -14.69
N LYS C 150 7.98 -7.88 -15.32
CA LYS C 150 9.10 -7.33 -14.57
C LYS C 150 9.99 -6.38 -15.32
N GLY C 151 10.71 -5.56 -14.56
CA GLY C 151 11.65 -4.61 -15.10
C GLY C 151 11.03 -3.44 -15.82
N TYR C 152 10.01 -2.80 -15.24
CA TYR C 152 9.38 -1.65 -15.90
C TYR C 152 9.52 -0.33 -15.14
N PHE C 153 9.39 0.77 -15.87
CA PHE C 153 9.40 2.10 -15.27
C PHE C 153 8.59 3.12 -16.11
N PRO C 154 7.65 3.82 -15.47
CA PRO C 154 7.28 3.79 -14.05
C PRO C 154 5.95 3.13 -13.83
N GLU C 155 5.45 3.24 -12.60
CA GLU C 155 4.13 2.70 -12.29
C GLU C 155 3.11 3.57 -13.07
N PRO C 156 1.94 3.01 -13.39
CA PRO C 156 1.52 1.65 -13.07
C PRO C 156 1.42 0.80 -14.34
N VAL C 157 1.00 -0.45 -14.13
CA VAL C 157 0.71 -1.37 -15.22
C VAL C 157 -0.69 -1.90 -14.91
N THR C 158 -1.35 -2.32 -15.97
CA THR C 158 -2.66 -2.91 -15.84
C THR C 158 -2.58 -4.31 -16.49
N LEU C 159 -3.02 -5.31 -15.72
CA LEU C 159 -3.01 -6.71 -16.16
C LEU C 159 -4.37 -7.40 -16.10
N THR C 160 -4.84 -7.88 -17.25
CA THR C 160 -6.10 -8.59 -17.27
C THR C 160 -5.96 -10.00 -17.81
N TRP C 161 -6.83 -10.89 -17.36
CA TRP C 161 -6.78 -12.27 -17.81
C TRP C 161 -7.90 -12.59 -18.78
N ASN C 162 -7.55 -12.79 -20.04
CA ASN C 162 -8.51 -13.12 -21.10
C ASN C 162 -9.33 -11.90 -21.40
N SER C 163 -8.63 -10.78 -21.49
CA SER C 163 -9.22 -9.48 -21.77
C SER C 163 -10.24 -9.13 -20.71
N GLY C 164 -10.24 -9.90 -19.62
CA GLY C 164 -11.14 -9.63 -18.52
C GLY C 164 -12.18 -10.68 -18.17
N SER C 165 -12.37 -11.67 -19.05
CA SER C 165 -13.36 -12.74 -18.86
C SER C 165 -13.05 -13.51 -17.61
N LEU C 166 -11.78 -13.61 -17.29
CA LEU C 166 -11.36 -14.30 -16.07
C LEU C 166 -11.13 -13.22 -15.01
N SER C 167 -11.70 -13.38 -13.83
CA SER C 167 -11.54 -12.38 -12.79
C SER C 167 -11.64 -13.01 -11.42
N SER C 168 -12.45 -14.04 -11.33
CA SER C 168 -12.56 -14.77 -10.07
C SER C 168 -11.33 -15.68 -10.14
N GLY C 169 -10.68 -15.91 -9.01
CA GLY C 169 -9.50 -16.74 -9.04
C GLY C 169 -8.19 -16.04 -9.42
N VAL C 170 -8.28 -14.81 -9.94
CA VAL C 170 -7.13 -14.02 -10.31
C VAL C 170 -6.55 -13.30 -9.08
N HIS C 171 -5.23 -13.34 -8.90
CA HIS C 171 -4.56 -12.67 -7.79
C HIS C 171 -3.38 -11.93 -8.33
N THR C 172 -3.59 -10.61 -8.49
CA THR C 172 -2.57 -9.69 -8.98
C THR C 172 -1.92 -9.07 -7.73
N PHE C 173 -0.61 -9.30 -7.60
CA PHE C 173 0.15 -8.81 -6.44
C PHE C 173 0.75 -7.46 -6.75
N PRO C 174 0.88 -6.61 -5.71
CA PRO C 174 1.45 -5.25 -5.74
C PRO C 174 2.86 -5.19 -6.33
N ALA C 175 3.12 -4.23 -7.21
CA ALA C 175 4.44 -4.12 -7.82
C ALA C 175 5.44 -3.66 -6.78
N VAL C 176 6.64 -4.20 -6.87
CA VAL C 176 7.72 -3.90 -5.94
C VAL C 176 8.95 -3.56 -6.76
N LEU C 177 9.75 -2.63 -6.26
CA LEU C 177 10.97 -2.26 -6.97
C LEU C 177 12.15 -3.10 -6.50
N GLN C 178 12.81 -3.72 -7.47
CA GLN C 178 13.99 -4.53 -7.23
C GLN C 178 15.06 -4.01 -8.19
N SER C 179 15.81 -3.04 -7.68
CA SER C 179 16.88 -2.39 -8.41
C SER C 179 16.33 -1.62 -9.61
N ASP C 180 16.02 -0.36 -9.31
CA ASP C 180 15.50 0.68 -10.22
C ASP C 180 14.22 0.46 -10.97
N LEU C 181 13.83 -0.80 -11.14
CA LEU C 181 12.62 -1.11 -11.88
C LEU C 181 11.56 -1.81 -11.05
N TYR C 182 10.35 -1.95 -11.61
CA TYR C 182 9.29 -2.62 -10.88
C TYR C 182 9.05 -4.01 -11.42
N THR C 183 8.49 -4.84 -10.54
CA THR C 183 8.10 -6.21 -10.84
C THR C 183 6.73 -6.51 -10.24
N LEU C 184 5.84 -7.02 -11.09
CA LEU C 184 4.48 -7.41 -10.70
C LEU C 184 4.21 -8.86 -11.22
N SER C 185 3.38 -9.60 -10.51
CA SER C 185 3.02 -10.95 -10.89
C SER C 185 1.52 -11.21 -10.63
N SER C 186 0.94 -12.14 -11.37
CA SER C 186 -0.48 -12.43 -11.19
C SER C 186 -0.77 -13.92 -11.26
N SER C 187 -1.58 -14.40 -10.34
CA SER C 187 -1.96 -15.79 -10.37
C SER C 187 -3.42 -15.92 -10.80
N VAL C 188 -3.69 -16.89 -11.67
CA VAL C 188 -5.06 -17.16 -12.14
C VAL C 188 -5.38 -18.65 -11.92
N THR C 189 -6.28 -18.93 -10.99
CA THR C 189 -6.68 -20.30 -10.70
C THR C 189 -8.03 -20.67 -11.35
N VAL C 190 -7.96 -21.60 -12.30
CA VAL C 190 -9.11 -22.08 -13.08
C VAL C 190 -9.18 -23.64 -13.09
N THR C 191 -10.38 -24.22 -13.11
CA THR C 191 -10.49 -25.70 -13.11
C THR C 191 -9.72 -26.36 -14.25
N SER C 192 -9.23 -27.57 -14.00
CA SER C 192 -8.42 -28.35 -14.95
C SER C 192 -8.99 -28.47 -16.35
N SER C 193 -10.30 -28.64 -16.42
CA SER C 193 -11.01 -28.80 -17.67
C SER C 193 -11.10 -27.50 -18.46
N THR C 194 -10.68 -26.39 -17.86
CA THR C 194 -10.72 -25.10 -18.55
C THR C 194 -9.45 -24.95 -19.39
N TRP C 195 -8.30 -25.16 -18.73
CA TRP C 195 -7.00 -25.04 -19.38
C TRP C 195 -6.27 -26.37 -19.23
N PRO C 196 -5.50 -26.80 -20.26
CA PRO C 196 -5.22 -26.16 -21.55
C PRO C 196 -6.30 -26.21 -22.62
N SER C 197 -7.40 -26.89 -22.30
CA SER C 197 -8.53 -27.03 -23.21
C SER C 197 -8.96 -25.64 -23.73
N GLN C 198 -8.70 -24.61 -22.91
CA GLN C 198 -9.02 -23.23 -23.27
C GLN C 198 -7.79 -22.31 -23.14
N SER C 199 -7.68 -21.40 -24.12
CA SER C 199 -6.62 -20.41 -24.22
C SER C 199 -6.74 -19.42 -23.08
N ILE C 200 -5.66 -19.21 -22.32
CA ILE C 200 -5.68 -18.24 -21.23
C ILE C 200 -4.57 -17.23 -21.44
N THR C 201 -4.93 -16.09 -22.04
CA THR C 201 -3.99 -15.02 -22.34
C THR C 201 -3.91 -13.98 -21.21
N CYS C 202 -2.71 -13.43 -21.06
CA CYS C 202 -2.41 -12.43 -20.06
C CYS C 202 -2.10 -11.13 -20.81
N ASN C 203 -2.96 -10.13 -20.59
CA ASN C 203 -2.84 -8.85 -21.27
C ASN C 203 -2.31 -7.79 -20.32
N VAL C 204 -1.07 -7.36 -20.61
CA VAL C 204 -0.35 -6.36 -19.82
C VAL C 204 -0.23 -5.00 -20.54
N ALA C 205 -0.61 -3.93 -19.85
CA ALA C 205 -0.50 -2.59 -20.43
C ALA C 205 0.39 -1.69 -19.57
N HIS C 206 1.32 -1.01 -20.22
CA HIS C 206 2.19 -0.12 -19.51
C HIS C 206 1.99 1.13 -20.30
N PRO C 207 1.08 1.99 -19.84
CA PRO C 207 0.75 3.26 -20.48
C PRO C 207 1.95 4.23 -20.68
N ALA C 208 2.78 4.38 -19.65
CA ALA C 208 3.94 5.27 -19.72
C ALA C 208 4.81 4.94 -20.91
N SER C 209 4.81 3.69 -21.36
CA SER C 209 5.63 3.28 -22.53
C SER C 209 4.81 3.00 -23.79
N SER C 210 3.48 3.14 -23.68
CA SER C 210 2.56 2.89 -24.81
C SER C 210 2.77 1.43 -25.22
N THR C 211 2.51 0.58 -24.25
CA THR C 211 2.68 -0.85 -24.31
C THR C 211 1.46 -1.60 -23.86
N LYS C 212 1.00 -2.49 -24.73
CA LYS C 212 -0.09 -3.39 -24.42
C LYS C 212 0.50 -4.71 -24.93
N VAL C 213 0.67 -5.68 -24.02
CA VAL C 213 1.29 -7.00 -24.32
C VAL C 213 0.46 -8.19 -23.86
N ASP C 214 0.27 -9.14 -24.77
CA ASP C 214 -0.49 -10.35 -24.45
C ASP C 214 0.47 -11.52 -24.35
N LYS C 215 0.27 -12.37 -23.36
CA LYS C 215 1.10 -13.54 -23.18
C LYS C 215 0.22 -14.74 -22.90
N LYS C 216 0.01 -15.58 -23.92
CA LYS C 216 -0.83 -16.76 -23.76
C LYS C 216 -0.08 -17.86 -23.00
N ILE C 217 -0.66 -18.33 -21.89
CA ILE C 217 -0.05 -19.39 -21.05
C ILE C 217 -0.19 -20.83 -21.64
N GLU C 218 0.82 -21.24 -22.41
CA GLU C 218 0.87 -22.57 -23.00
C GLU C 218 1.61 -23.49 -22.00
N PRO C 219 1.68 -24.82 -22.28
CA PRO C 219 2.36 -25.79 -21.40
C PRO C 219 3.84 -25.98 -21.72
#